data_5FBA
#
_entry.id   5FBA
#
_cell.length_a   41.765
_cell.length_b   62.307
_cell.length_c   48.003
_cell.angle_alpha   90.00
_cell.angle_beta   106.75
_cell.angle_gamma   90.00
#
_symmetry.space_group_name_H-M   'P 1 21 1'
#
loop_
_entity.id
_entity.type
_entity.pdbx_description
1 polymer 'Nuclease S1'
2 non-polymer 2-acetamido-2-deoxy-beta-D-glucopyranose
3 non-polymer 'ZINC ION'
4 non-polymer 'PHOSPHATE ION'
5 non-polymer GLYCEROL
6 water water
#
_entity_poly.entity_id   1
_entity_poly.type   'polypeptide(L)'
_entity_poly.pdbx_seq_one_letter_code
;WGNLGHETVAYIAQSFVASSTESFCQNILGDDSTSYLANVATWADTYKYTDAGEFSKPYHFIDAQDNPPQSCGVDYDRDC
GSAGCSISAIQNYTNILLESPNGSEALNALKFVVHIIGDIHQPLHDENLEAGGNGIDVTYDGETTNLHHIWDTNMPEEAA
GGYSLSVAKTYADLLTERIKTGTYSSKKDSWTDGIDIKDPVSTSMIWAADANTYVCSTVLDDGLAYINSTDLSGEYYDKS
QPVFEELIAKAGYRLAAWLDLIASQPS
;
_entity_poly.pdbx_strand_id   A
#
loop_
_chem_comp.id
_chem_comp.type
_chem_comp.name
_chem_comp.formula
GOL non-polymer GLYCEROL 'C3 H8 O3'
NAG D-saccharide, beta linking 2-acetamido-2-deoxy-beta-D-glucopyranose 'C8 H15 N O6'
PO4 non-polymer 'PHOSPHATE ION' 'O4 P -3'
ZN non-polymer 'ZINC ION' 'Zn 2'
#
# COMPACT_ATOMS: atom_id res chain seq x y z
N TRP A 1 -4.78 -2.80 -1.63
CA TRP A 1 -5.92 -1.86 -1.72
C TRP A 1 -6.58 -2.09 -3.08
N GLY A 2 -7.82 -1.67 -3.15
CA GLY A 2 -8.51 -1.54 -4.46
C GLY A 2 -8.04 -0.26 -5.14
N ASN A 3 -8.70 0.10 -6.23
CA ASN A 3 -8.23 1.18 -7.10
C ASN A 3 -8.19 2.51 -6.40
N LEU A 4 -9.22 2.81 -5.60
CA LEU A 4 -9.32 4.07 -4.91
C LEU A 4 -8.16 4.31 -3.94
N GLY A 5 -7.88 3.29 -3.12
CA GLY A 5 -6.71 3.26 -2.26
C GLY A 5 -5.39 3.54 -3.00
N HIS A 6 -5.13 2.81 -4.06
CA HIS A 6 -3.90 3.01 -4.85
C HIS A 6 -3.78 4.37 -5.48
N GLU A 7 -4.89 4.90 -5.99
CA GLU A 7 -4.90 6.25 -6.55
C GLU A 7 -4.70 7.34 -5.51
N THR A 8 -5.26 7.18 -4.31
CA THR A 8 -5.08 8.13 -3.24
C THR A 8 -3.61 8.12 -2.76
N VAL A 9 -3.04 6.96 -2.57
CA VAL A 9 -1.63 6.86 -2.25
C VAL A 9 -0.72 7.61 -3.32
N ALA A 10 -0.99 7.41 -4.62
CA ALA A 10 -0.29 8.00 -5.72
C ALA A 10 -0.42 9.53 -5.71
N TYR A 11 -1.65 10.03 -5.53
CA TYR A 11 -1.85 11.50 -5.51
C TYR A 11 -1.15 12.15 -4.28
N ILE A 12 -1.15 11.44 -3.14
CA ILE A 12 -0.44 11.92 -1.98
C ILE A 12 1.03 12.09 -2.35
N ALA A 13 1.65 11.05 -2.91
CA ALA A 13 3.04 11.06 -3.29
C ALA A 13 3.34 12.21 -4.28
N GLN A 14 2.42 12.44 -5.22
CA GLN A 14 2.59 13.51 -6.20
C GLN A 14 2.74 14.86 -5.48
N SER A 15 2.07 15.03 -4.33
CA SER A 15 2.13 16.26 -3.55
C SER A 15 3.40 16.48 -2.81
N PHE A 16 4.25 15.46 -2.68
CA PHE A 16 5.48 15.58 -1.85
C PHE A 16 6.75 15.40 -2.62
N VAL A 17 6.69 14.89 -3.83
CA VAL A 17 7.92 14.75 -4.63
C VAL A 17 8.48 16.09 -5.09
N ALA A 18 9.78 16.11 -5.28
CA ALA A 18 10.49 17.27 -5.84
C ALA A 18 10.14 17.36 -7.31
N SER A 19 10.29 18.54 -7.89
CA SER A 19 9.90 18.72 -9.31
C SER A 19 10.79 17.91 -10.27
N SER A 20 12.06 17.70 -9.95
CA SER A 20 12.93 16.79 -10.73
C SER A 20 12.49 15.30 -10.65
N THR A 21 11.92 14.93 -9.51
CA THR A 21 11.36 13.60 -9.34
C THR A 21 10.09 13.43 -10.19
N GLU A 22 9.25 14.44 -10.20
CA GLU A 22 8.07 14.48 -11.03
C GLU A 22 8.42 14.31 -12.51
N SER A 23 9.36 15.13 -13.00
CA SER A 23 9.85 15.03 -14.39
C SER A 23 10.41 13.65 -14.63
N PHE A 24 11.26 13.19 -13.72
CA PHE A 24 11.86 11.82 -13.78
C PHE A 24 10.79 10.75 -14.04
N CYS A 25 9.70 10.82 -13.24
CA CYS A 25 8.54 9.91 -13.39
C CYS A 25 7.69 10.12 -14.65
N GLN A 26 7.33 11.37 -14.90
CA GLN A 26 6.52 11.70 -16.07
C GLN A 26 7.23 11.25 -17.34
N ASN A 27 8.55 11.38 -17.39
CA ASN A 27 9.32 10.98 -18.58
C ASN A 27 9.27 9.45 -18.81
N ILE A 28 9.51 8.68 -17.75
CA ILE A 28 9.38 7.24 -17.81
C ILE A 28 7.97 6.79 -18.24
N LEU A 29 6.97 7.41 -17.63
CA LEU A 29 5.61 6.99 -17.83
C LEU A 29 5.01 7.53 -19.14
N GLY A 30 5.67 8.49 -19.80
CA GLY A 30 5.11 9.13 -20.99
C GLY A 30 3.82 9.89 -20.65
N ASP A 31 3.74 10.52 -19.49
CA ASP A 31 2.48 11.10 -19.05
C ASP A 31 2.86 12.36 -18.36
N ASP A 32 2.47 13.51 -18.94
CA ASP A 32 2.71 14.84 -18.32
C ASP A 32 1.48 15.41 -17.62
N SER A 33 0.44 14.61 -17.44
CA SER A 33 -0.74 15.08 -16.67
C SER A 33 -0.46 15.27 -15.18
N THR A 34 -1.32 16.03 -14.53
CA THR A 34 -1.31 16.15 -13.08
C THR A 34 -1.90 14.85 -12.42
N SER A 35 -2.10 13.76 -13.15
CA SER A 35 -2.43 12.47 -12.56
C SER A 35 -1.41 11.41 -12.91
N TYR A 36 -0.20 11.81 -13.29
CA TYR A 36 0.77 10.86 -13.81
C TYR A 36 0.99 9.57 -12.96
N LEU A 37 1.14 9.72 -11.66
CA LEU A 37 1.27 8.51 -10.77
C LEU A 37 -0.07 7.84 -10.61
N ALA A 38 -1.08 8.61 -10.30
CA ALA A 38 -2.42 8.04 -10.10
C ALA A 38 -2.91 7.19 -11.29
N ASN A 39 -2.49 7.57 -12.50
CA ASN A 39 -2.98 6.92 -13.71
C ASN A 39 -2.42 5.53 -13.89
N VAL A 40 -1.27 5.26 -13.27
CA VAL A 40 -0.60 3.96 -13.36
C VAL A 40 -0.66 3.18 -12.04
N ALA A 41 -1.30 3.74 -11.02
CA ALA A 41 -1.25 3.18 -9.69
C ALA A 41 -2.00 1.83 -9.57
N THR A 42 -2.90 1.51 -10.49
CA THR A 42 -3.68 0.24 -10.44
C THR A 42 -3.20 -0.78 -11.45
N TRP A 43 -2.22 -0.38 -12.27
CA TRP A 43 -1.80 -1.20 -13.39
C TRP A 43 -1.40 -2.59 -12.92
N ALA A 44 -0.67 -2.68 -11.82
CA ALA A 44 -0.20 -3.99 -11.39
C ALA A 44 -1.36 -4.97 -11.06
N ASP A 45 -2.49 -4.44 -10.65
CA ASP A 45 -3.68 -5.22 -10.34
C ASP A 45 -4.38 -5.76 -11.63
N THR A 46 -4.27 -5.05 -12.73
CA THR A 46 -4.56 -5.60 -14.06
C THR A 46 -3.59 -6.67 -14.53
N TYR A 47 -2.32 -6.33 -14.45
CA TYR A 47 -1.29 -7.16 -15.02
C TYR A 47 -1.25 -8.55 -14.41
N LYS A 48 -1.49 -8.63 -13.09
CA LYS A 48 -1.47 -9.93 -12.43
C LYS A 48 -2.57 -10.90 -12.89
N TYR A 49 -3.64 -10.40 -13.52
CA TYR A 49 -4.73 -11.24 -14.03
C TYR A 49 -4.62 -11.60 -15.52
N THR A 50 -3.50 -11.23 -16.14
CA THR A 50 -3.17 -11.56 -17.52
C THR A 50 -2.27 -12.80 -17.47
N ASP A 51 -2.23 -13.54 -18.59
CA ASP A 51 -1.34 -14.71 -18.68
C ASP A 51 0.10 -14.23 -18.48
N ALA A 52 0.47 -13.13 -19.13
CA ALA A 52 1.85 -12.69 -19.10
C ALA A 52 2.27 -12.15 -17.74
N GLY A 53 1.31 -11.66 -16.94
CA GLY A 53 1.61 -11.04 -15.65
C GLY A 53 1.24 -11.90 -14.45
N GLU A 54 0.79 -13.15 -14.68
CA GLU A 54 0.37 -14.08 -13.62
C GLU A 54 1.46 -14.26 -12.51
N PHE A 55 2.71 -14.30 -12.97
CA PHE A 55 3.90 -14.46 -12.13
C PHE A 55 4.09 -13.38 -11.05
N SER A 56 3.56 -12.19 -11.32
CA SER A 56 3.56 -11.06 -10.41
C SER A 56 2.49 -11.06 -9.31
N LYS A 57 1.55 -12.02 -9.29
CA LYS A 57 0.51 -12.04 -8.24
C LYS A 57 1.07 -11.99 -6.77
N PRO A 58 2.11 -12.79 -6.47
CA PRO A 58 2.65 -12.77 -5.12
C PRO A 58 3.36 -11.47 -4.73
N TYR A 59 3.69 -10.63 -5.71
CA TYR A 59 4.37 -9.34 -5.45
C TYR A 59 3.52 -8.35 -4.73
N HIS A 60 2.24 -8.67 -4.50
CA HIS A 60 1.35 -7.75 -3.83
C HIS A 60 1.35 -7.87 -2.32
N PHE A 61 1.98 -8.93 -1.81
CA PHE A 61 1.90 -9.20 -0.40
CA PHE A 61 1.85 -9.35 -0.41
C PHE A 61 3.14 -9.88 0.16
N ILE A 62 3.21 -9.89 1.49
CA ILE A 62 4.13 -10.74 2.23
C ILE A 62 3.29 -11.39 3.31
N ASP A 63 3.03 -12.67 3.13
CA ASP A 63 2.09 -13.42 3.99
C ASP A 63 2.73 -13.79 5.37
N ALA A 64 2.73 -12.83 6.28
CA ALA A 64 3.40 -12.98 7.57
C ALA A 64 2.86 -14.16 8.36
N GLN A 65 3.72 -15.10 8.74
CA GLN A 65 3.29 -16.32 9.40
C GLN A 65 3.29 -16.05 10.91
N ASP A 66 2.32 -15.26 11.33
CA ASP A 66 2.26 -14.86 12.73
C ASP A 66 0.98 -15.36 13.36
N ASN A 67 0.53 -14.83 14.48
CA ASN A 67 -0.60 -15.44 15.22
C ASN A 67 -1.54 -14.36 15.78
N PRO A 68 -2.19 -13.59 14.90
CA PRO A 68 -2.89 -12.45 15.39
C PRO A 68 -4.27 -12.84 15.95
N PRO A 69 -4.86 -12.05 16.85
CA PRO A 69 -4.32 -10.78 17.37
C PRO A 69 -3.31 -10.88 18.51
N GLN A 70 -2.97 -12.10 18.95
CA GLN A 70 -2.10 -12.30 20.12
CA GLN A 70 -2.06 -12.35 20.12
C GLN A 70 -0.67 -11.89 19.79
N SER A 71 -0.24 -12.19 18.58
CA SER A 71 1.12 -12.00 18.26
C SER A 71 1.26 -11.65 16.77
N CYS A 72 1.94 -10.54 16.49
CA CYS A 72 2.19 -10.09 15.12
C CYS A 72 3.66 -9.96 14.81
N GLY A 73 4.05 -10.32 13.61
CA GLY A 73 5.39 -10.09 13.14
C GLY A 73 5.67 -10.65 11.75
N VAL A 74 6.61 -10.02 11.07
CA VAL A 74 6.98 -10.36 9.69
C VAL A 74 8.45 -10.64 9.62
N ASP A 75 8.82 -11.63 8.84
CA ASP A 75 10.22 -11.99 8.67
C ASP A 75 10.42 -12.28 7.19
N TYR A 76 11.41 -11.62 6.57
CA TYR A 76 11.57 -11.65 5.10
C TYR A 76 11.76 -13.07 4.59
N ASP A 77 12.75 -13.77 5.15
CA ASP A 77 13.03 -15.13 4.65
C ASP A 77 11.93 -16.16 4.99
N ARG A 78 11.28 -16.01 6.13
CA ARG A 78 10.27 -16.94 6.55
C ARG A 78 9.03 -16.78 5.65
N ASP A 79 8.65 -15.51 5.42
CA ASP A 79 7.37 -15.16 4.86
C ASP A 79 7.31 -14.85 3.38
N CYS A 80 8.43 -14.40 2.77
CA CYS A 80 8.40 -14.00 1.37
C CYS A 80 7.93 -15.11 0.46
N GLY A 81 8.67 -16.22 0.47
CA GLY A 81 8.26 -17.42 -0.23
C GLY A 81 9.04 -17.69 -1.48
N SER A 82 8.79 -18.84 -2.07
CA SER A 82 9.52 -19.29 -3.28
C SER A 82 9.25 -18.43 -4.54
N ALA A 83 8.07 -17.81 -4.62
CA ALA A 83 7.66 -17.06 -5.80
C ALA A 83 7.77 -15.54 -5.65
N GLY A 84 8.47 -15.09 -4.61
CA GLY A 84 8.64 -13.65 -4.39
C GLY A 84 7.49 -13.04 -3.65
N CYS A 85 7.68 -11.76 -3.31
CA CYS A 85 6.72 -11.06 -2.46
C CYS A 85 6.83 -9.55 -2.69
N SER A 86 6.00 -8.78 -2.01
CA SER A 86 6.12 -7.32 -2.02
C SER A 86 7.56 -6.79 -1.80
N ILE A 87 8.25 -7.40 -0.81
CA ILE A 87 9.57 -6.92 -0.38
C ILE A 87 10.64 -7.20 -1.43
N SER A 88 10.61 -8.41 -1.97
CA SER A 88 11.57 -8.76 -3.00
C SER A 88 11.27 -7.98 -4.31
N ALA A 89 9.98 -7.74 -4.63
CA ALA A 89 9.62 -6.90 -5.73
C ALA A 89 10.10 -5.44 -5.53
N ILE A 90 9.91 -4.86 -4.34
CA ILE A 90 10.43 -3.50 -4.14
C ILE A 90 11.96 -3.46 -4.39
N GLN A 91 12.69 -4.45 -3.90
CA GLN A 91 14.12 -4.50 -4.14
C GLN A 91 14.42 -4.52 -5.61
N ASN A 92 13.85 -5.47 -6.29
CA ASN A 92 14.13 -5.69 -7.71
C ASN A 92 13.75 -4.51 -8.62
N TYR A 93 12.53 -4.03 -8.44
CA TYR A 93 12.07 -2.87 -9.22
C TYR A 93 12.75 -1.55 -8.82
N THR A 94 13.09 -1.36 -7.56
CA THR A 94 13.87 -0.20 -7.17
C THR A 94 15.26 -0.19 -7.87
N ASN A 95 15.92 -1.36 -7.88
CA ASN A 95 17.27 -1.47 -8.46
C ASN A 95 17.29 -1.34 -9.96
N ILE A 96 16.20 -1.75 -10.62
CA ILE A 96 16.05 -1.48 -12.03
C ILE A 96 16.04 0.02 -12.28
N LEU A 97 15.27 0.76 -11.50
CA LEU A 97 15.21 2.23 -11.66
C LEU A 97 16.49 2.97 -11.23
N LEU A 98 17.24 2.40 -10.30
CA LEU A 98 18.58 2.87 -9.96
C LEU A 98 19.65 2.59 -11.03
N GLU A 99 19.48 1.50 -11.80
CA GLU A 99 20.50 1.00 -12.71
C GLU A 99 20.24 1.40 -14.15
N SER A 100 18.97 1.28 -14.60
CA SER A 100 18.55 1.61 -15.96
C SER A 100 17.22 2.37 -15.99
N PRO A 101 17.18 3.59 -15.48
CA PRO A 101 15.91 4.33 -15.52
C PRO A 101 15.41 4.63 -16.91
N ASN A 102 16.32 4.71 -17.89
CA ASN A 102 15.94 4.98 -19.28
C ASN A 102 15.78 3.73 -20.12
N GLY A 103 16.02 2.54 -19.56
CA GLY A 103 15.79 1.30 -20.25
C GLY A 103 14.34 0.84 -20.33
N SER A 104 14.14 -0.28 -21.03
CA SER A 104 12.81 -0.80 -21.37
C SER A 104 12.03 -1.34 -20.15
N GLU A 105 12.75 -1.82 -19.15
CA GLU A 105 12.15 -2.37 -17.93
C GLU A 105 11.66 -1.31 -16.92
N ALA A 106 12.07 -0.07 -17.09
CA ALA A 106 11.81 1.00 -16.15
C ALA A 106 10.35 1.43 -16.06
N LEU A 107 9.63 1.34 -17.15
CA LEU A 107 8.24 1.66 -17.17
C LEU A 107 7.44 0.77 -16.22
N ASN A 108 7.46 -0.54 -16.44
CA ASN A 108 6.84 -1.43 -15.46
C ASN A 108 7.45 -1.36 -14.06
N ALA A 109 8.77 -1.19 -13.93
CA ALA A 109 9.37 -1.07 -12.60
C ALA A 109 8.71 0.05 -11.82
N LEU A 110 8.60 1.22 -12.44
CA LEU A 110 8.01 2.37 -11.78
C LEU A 110 6.52 2.13 -11.41
N LYS A 111 5.78 1.52 -12.33
CA LYS A 111 4.39 1.16 -12.08
C LYS A 111 4.22 0.23 -10.88
N PHE A 112 5.10 -0.76 -10.83
CA PHE A 112 5.22 -1.65 -9.71
C PHE A 112 5.51 -0.94 -8.39
N VAL A 113 6.54 -0.10 -8.38
CA VAL A 113 6.93 0.58 -7.17
C VAL A 113 5.75 1.41 -6.61
N VAL A 114 5.06 2.14 -7.49
CA VAL A 114 3.94 3.02 -7.08
C VAL A 114 2.84 2.14 -6.43
N HIS A 115 2.54 1.00 -7.05
CA HIS A 115 1.46 0.12 -6.61
C HIS A 115 1.84 -0.58 -5.29
N ILE A 116 3.03 -1.16 -5.30
CA ILE A 116 3.44 -2.09 -4.19
C ILE A 116 3.73 -1.37 -2.90
N ILE A 117 4.29 -0.15 -2.98
CA ILE A 117 4.44 0.66 -1.76
C ILE A 117 3.08 0.86 -1.14
N GLY A 118 2.07 1.07 -2.00
CA GLY A 118 0.63 1.06 -1.54
C GLY A 118 0.21 -0.21 -0.81
N ASP A 119 0.34 -1.33 -1.49
CA ASP A 119 -0.01 -2.63 -0.92
C ASP A 119 0.65 -2.99 0.45
N ILE A 120 1.90 -2.62 0.58
CA ILE A 120 2.68 -2.89 1.79
C ILE A 120 2.01 -2.23 3.00
N HIS A 121 1.28 -1.13 2.77
CA HIS A 121 0.60 -0.46 3.83
C HIS A 121 -0.81 -0.92 4.11
N GLN A 122 -1.32 -1.88 3.34
CA GLN A 122 -2.66 -2.47 3.63
C GLN A 122 -2.30 -3.62 4.59
N PRO A 123 -2.70 -3.55 5.87
CA PRO A 123 -2.18 -4.55 6.84
C PRO A 123 -2.42 -6.03 6.45
N LEU A 124 -3.54 -6.29 5.77
CA LEU A 124 -3.83 -7.64 5.30
C LEU A 124 -3.12 -8.09 4.04
N HIS A 125 -2.31 -7.20 3.45
CA HIS A 125 -1.31 -7.60 2.50
C HIS A 125 0.02 -7.99 3.22
N ASP A 126 0.03 -7.93 4.56
CA ASP A 126 1.19 -8.35 5.34
C ASP A 126 0.79 -9.44 6.35
N GLU A 127 -0.03 -10.41 5.93
CA GLU A 127 -0.66 -11.34 6.86
C GLU A 127 -1.11 -12.59 6.20
N ASN A 128 -0.63 -13.72 6.70
CA ASN A 128 -0.99 -15.02 6.14
C ASN A 128 -2.38 -15.54 6.44
N LEU A 129 -2.92 -15.23 7.62
CA LEU A 129 -4.21 -15.78 8.08
C LEU A 129 -5.31 -15.82 7.01
N GLU A 130 -5.67 -17.05 6.63
CA GLU A 130 -6.78 -17.33 5.76
C GLU A 130 -6.64 -16.58 4.49
N ALA A 131 -5.48 -16.72 3.85
CA ALA A 131 -5.16 -16.01 2.59
C ALA A 131 -5.35 -14.49 2.75
N GLY A 132 -4.68 -13.95 3.74
CA GLY A 132 -4.73 -12.53 4.01
C GLY A 132 -6.12 -12.05 4.32
N GLY A 133 -6.92 -12.91 4.93
CA GLY A 133 -8.33 -12.57 5.24
C GLY A 133 -9.34 -12.71 4.12
N ASN A 134 -8.89 -13.11 2.92
CA ASN A 134 -9.81 -13.41 1.81
C ASN A 134 -10.76 -14.57 2.10
N GLY A 135 -10.29 -15.51 2.92
CA GLY A 135 -11.06 -16.61 3.39
C GLY A 135 -12.01 -16.35 4.55
N ILE A 136 -12.02 -15.14 5.12
CA ILE A 136 -12.88 -14.81 6.24
C ILE A 136 -14.11 -14.05 5.66
N ASP A 137 -15.21 -14.79 5.50
CA ASP A 137 -16.46 -14.21 5.03
C ASP A 137 -17.01 -13.36 6.15
N VAL A 138 -17.51 -12.18 5.78
CA VAL A 138 -18.07 -11.19 6.73
C VAL A 138 -19.25 -10.53 6.09
N THR A 139 -20.02 -9.87 6.92
CA THR A 139 -21.14 -9.07 6.47
C THR A 139 -20.74 -7.61 6.61
N TYR A 140 -20.91 -6.86 5.53
CA TYR A 140 -20.61 -5.46 5.48
C TYR A 140 -21.84 -4.79 4.86
N ASP A 141 -22.50 -3.97 5.67
CA ASP A 141 -23.67 -3.19 5.23
C ASP A 141 -24.75 -4.13 4.66
N GLY A 142 -25.05 -5.17 5.43
CA GLY A 142 -26.04 -6.15 5.05
C GLY A 142 -25.70 -7.06 3.89
N GLU A 143 -24.47 -7.04 3.39
CA GLU A 143 -24.09 -7.86 2.23
C GLU A 143 -22.87 -8.70 2.59
N THR A 144 -22.81 -9.92 2.04
CA THR A 144 -21.71 -10.83 2.25
C THR A 144 -20.50 -10.40 1.39
N THR A 145 -19.32 -10.41 2.02
CA THR A 145 -18.05 -10.17 1.32
C THR A 145 -17.00 -10.87 2.16
N ASN A 146 -15.74 -10.44 2.09
CA ASN A 146 -14.72 -10.92 2.99
C ASN A 146 -13.88 -9.79 3.60
N LEU A 147 -13.15 -10.17 4.64
CA LEU A 147 -12.45 -9.25 5.47
C LEU A 147 -11.36 -8.51 4.66
N HIS A 148 -10.66 -9.24 3.82
CA HIS A 148 -9.68 -8.59 2.96
C HIS A 148 -10.28 -7.50 2.04
N HIS A 149 -11.43 -7.83 1.44
CA HIS A 149 -12.17 -6.95 0.57
C HIS A 149 -12.57 -5.64 1.26
N ILE A 150 -13.02 -5.71 2.52
CA ILE A 150 -13.51 -4.47 3.14
C ILE A 150 -12.34 -3.56 3.48
N TRP A 151 -11.18 -4.15 3.74
CA TRP A 151 -9.96 -3.33 3.93
C TRP A 151 -9.42 -2.76 2.61
N ASP A 152 -9.37 -3.57 1.54
CA ASP A 152 -9.02 -3.11 0.23
C ASP A 152 -9.89 -1.99 -0.32
N THR A 153 -11.21 -2.14 -0.14
CA THR A 153 -12.20 -1.46 -0.98
C THR A 153 -13.40 -0.87 -0.26
N ASN A 154 -14.24 -1.70 0.36
CA ASN A 154 -15.48 -1.19 0.98
C ASN A 154 -15.23 -0.01 1.94
N MET A 155 -14.27 -0.18 2.83
CA MET A 155 -14.11 0.82 3.88
C MET A 155 -13.44 2.09 3.36
N PRO A 156 -12.37 1.93 2.57
CA PRO A 156 -11.86 3.18 1.97
C PRO A 156 -12.79 3.96 1.06
N GLU A 157 -13.56 3.25 0.25
CA GLU A 157 -14.50 3.88 -0.68
C GLU A 157 -15.59 4.58 0.13
N GLU A 158 -16.04 3.95 1.20
CA GLU A 158 -16.98 4.64 2.09
C GLU A 158 -16.40 5.89 2.70
N ALA A 159 -15.23 5.79 3.30
CA ALA A 159 -14.63 6.98 3.89
C ALA A 159 -14.36 8.11 2.82
N ALA A 160 -13.91 7.74 1.60
CA ALA A 160 -13.57 8.72 0.58
C ALA A 160 -14.85 9.35 -0.01
N GLY A 161 -15.99 8.63 0.12
CA GLY A 161 -17.25 8.99 -0.52
C GLY A 161 -17.33 8.58 -1.98
N GLY A 162 -16.66 7.49 -2.40
CA GLY A 162 -16.73 7.07 -3.81
C GLY A 162 -15.45 6.41 -4.26
N TYR A 163 -15.27 6.32 -5.56
CA TYR A 163 -14.19 5.58 -6.13
C TYR A 163 -13.57 6.12 -7.41
N SER A 164 -13.94 7.30 -7.82
CA SER A 164 -13.44 7.85 -9.08
C SER A 164 -12.07 8.49 -8.84
N LEU A 165 -11.33 8.77 -9.91
CA LEU A 165 -10.08 9.47 -9.79
C LEU A 165 -10.26 10.80 -9.04
N SER A 166 -11.34 11.55 -9.33
CA SER A 166 -11.53 12.86 -8.71
C SER A 166 -11.83 12.70 -7.24
N VAL A 167 -12.59 11.65 -6.88
CA VAL A 167 -12.76 11.34 -5.42
C VAL A 167 -11.40 10.95 -4.74
N ALA A 168 -10.58 10.17 -5.42
CA ALA A 168 -9.22 9.81 -4.92
C ALA A 168 -8.35 11.05 -4.72
N LYS A 169 -8.43 11.96 -5.66
CA LYS A 169 -7.76 13.22 -5.54
C LYS A 169 -8.22 14.07 -4.35
N THR A 170 -9.51 14.16 -4.18
CA THR A 170 -10.03 14.90 -3.04
C THR A 170 -9.59 14.25 -1.71
N TYR A 171 -9.63 12.92 -1.72
CA TYR A 171 -9.20 12.15 -0.52
C TYR A 171 -7.71 12.36 -0.21
N ALA A 172 -6.90 12.25 -1.26
CA ALA A 172 -5.48 12.50 -1.16
C ALA A 172 -5.21 13.90 -0.57
N ASP A 173 -5.95 14.91 -1.06
CA ASP A 173 -5.80 16.29 -0.57
C ASP A 173 -6.07 16.42 0.89
N LEU A 174 -7.12 15.73 1.33
CA LEU A 174 -7.52 15.77 2.75
C LEU A 174 -6.36 15.16 3.60
N LEU A 175 -5.89 14.02 3.17
CA LEU A 175 -4.83 13.32 3.92
C LEU A 175 -3.49 14.07 3.86
N THR A 176 -3.20 14.70 2.73
CA THR A 176 -1.93 15.43 2.55
C THR A 176 -1.92 16.59 3.55
N GLU A 177 -3.06 17.22 3.74
CA GLU A 177 -3.17 18.29 4.69
C GLU A 177 -3.00 17.76 6.10
N ARG A 178 -3.49 16.55 6.39
CA ARG A 178 -3.23 15.99 7.72
C ARG A 178 -1.74 15.83 7.99
N ILE A 179 -0.99 15.49 6.96
CA ILE A 179 0.46 15.29 7.02
C ILE A 179 1.18 16.63 7.18
N LYS A 180 0.74 17.63 6.43
CA LYS A 180 1.39 18.93 6.46
C LYS A 180 1.18 19.70 7.73
N THR A 181 -0.08 19.88 8.14
CA THR A 181 -0.39 20.72 9.31
C THR A 181 -1.36 20.10 10.34
N GLY A 182 -1.99 18.97 10.00
CA GLY A 182 -3.03 18.37 10.84
C GLY A 182 -2.51 17.24 11.73
N THR A 183 -3.36 16.25 12.00
CA THR A 183 -3.07 15.26 13.04
C THR A 183 -1.82 14.43 12.82
N TYR A 184 -1.30 14.31 11.60
CA TYR A 184 -0.09 13.52 11.38
C TYR A 184 1.15 14.38 11.38
N SER A 185 1.01 15.70 11.58
CA SER A 185 2.12 16.58 11.16
C SER A 185 3.36 16.51 12.08
N SER A 186 3.19 16.05 13.32
CA SER A 186 4.31 15.72 14.18
C SER A 186 4.85 14.31 13.92
N LYS A 187 3.97 13.33 13.96
CA LYS A 187 4.40 11.92 13.76
C LYS A 187 5.10 11.73 12.43
N LYS A 188 4.68 12.47 11.41
CA LYS A 188 5.18 12.28 10.06
C LYS A 188 6.69 12.50 9.89
N ASP A 189 7.26 13.28 10.79
CA ASP A 189 8.70 13.53 10.82
C ASP A 189 9.51 12.24 11.02
N SER A 190 8.91 11.22 11.62
CA SER A 190 9.60 9.97 11.82
C SER A 190 9.15 8.86 10.88
N TRP A 191 8.24 9.16 9.96
CA TRP A 191 7.78 8.14 8.98
C TRP A 191 8.84 7.69 7.96
N THR A 192 9.89 8.48 7.76
CA THR A 192 10.97 8.06 6.90
C THR A 192 12.19 7.54 7.66
N ASP A 193 12.09 7.41 8.99
CA ASP A 193 13.24 6.82 9.76
C ASP A 193 13.54 5.44 9.26
N GLY A 194 14.83 5.19 9.02
CA GLY A 194 15.32 3.90 8.58
C GLY A 194 15.33 3.74 7.10
N ILE A 195 14.88 4.76 6.34
CA ILE A 195 14.82 4.66 4.90
C ILE A 195 16.24 4.63 4.35
N ASP A 196 16.48 3.79 3.36
CA ASP A 196 17.80 3.57 2.85
C ASP A 196 17.70 3.01 1.47
N ILE A 197 18.06 3.84 0.51
CA ILE A 197 17.96 3.54 -0.88
C ILE A 197 18.90 2.40 -1.28
N LYS A 198 19.97 2.20 -0.50
CA LYS A 198 20.90 1.09 -0.70
C LYS A 198 20.46 -0.18 0.03
N ASP A 199 19.42 -0.13 0.85
CA ASP A 199 18.86 -1.32 1.47
C ASP A 199 17.30 -1.42 1.28
N PRO A 200 16.86 -1.71 0.04
CA PRO A 200 15.41 -1.76 -0.21
C PRO A 200 14.64 -2.83 0.61
N VAL A 201 15.28 -3.99 0.85
CA VAL A 201 14.72 -5.01 1.67
C VAL A 201 14.45 -4.50 3.06
N SER A 202 15.45 -3.96 3.74
CA SER A 202 15.26 -3.44 5.06
C SER A 202 14.25 -2.32 5.11
N THR A 203 14.34 -1.37 4.19
CA THR A 203 13.43 -0.21 4.16
C THR A 203 11.98 -0.75 4.04
N SER A 204 11.74 -1.64 3.06
CA SER A 204 10.38 -2.10 2.79
C SER A 204 9.85 -3.01 3.91
N MET A 205 10.76 -3.79 4.53
CA MET A 205 10.40 -4.53 5.72
C MET A 205 9.94 -3.70 6.91
N ILE A 206 10.56 -2.53 7.12
CA ILE A 206 10.15 -1.59 8.16
C ILE A 206 8.71 -1.19 7.92
N TRP A 207 8.41 -0.84 6.69
CA TRP A 207 7.04 -0.44 6.35
C TRP A 207 6.04 -1.58 6.49
N ALA A 208 6.43 -2.76 6.03
CA ALA A 208 5.59 -3.96 6.15
C ALA A 208 5.36 -4.32 7.65
N ALA A 209 6.42 -4.29 8.45
CA ALA A 209 6.35 -4.57 9.91
C ALA A 209 5.44 -3.59 10.56
N ASP A 210 5.59 -2.31 10.22
CA ASP A 210 4.72 -1.29 10.74
C ASP A 210 3.25 -1.56 10.44
N ALA A 211 2.94 -1.75 9.15
CA ALA A 211 1.57 -2.06 8.74
C ALA A 211 1.03 -3.36 9.41
N ASN A 212 1.89 -4.38 9.52
CA ASN A 212 1.51 -5.63 10.13
C ASN A 212 1.12 -5.45 11.64
N THR A 213 1.76 -4.52 12.36
CA THR A 213 1.32 -4.34 13.79
C THR A 213 -0.20 -4.05 13.89
N TYR A 214 -0.75 -3.42 12.85
CA TYR A 214 -2.17 -3.11 12.85
C TYR A 214 -3.14 -4.28 12.62
N VAL A 215 -2.61 -5.40 12.14
CA VAL A 215 -3.36 -6.67 12.15
C VAL A 215 -3.76 -7.00 13.58
N CYS A 216 -2.79 -6.97 14.50
CA CYS A 216 -3.06 -7.24 15.91
C CYS A 216 -3.83 -6.15 16.61
N SER A 217 -3.47 -4.90 16.36
CA SER A 217 -4.12 -3.79 17.08
C SER A 217 -5.53 -3.44 16.61
N THR A 218 -5.84 -3.74 15.33
CA THR A 218 -7.04 -3.16 14.72
C THR A 218 -7.79 -4.14 13.84
N VAL A 219 -7.11 -4.80 12.92
CA VAL A 219 -7.82 -5.64 11.96
C VAL A 219 -8.62 -6.77 12.69
N LEU A 220 -7.97 -7.44 13.62
CA LEU A 220 -8.43 -8.66 14.23
C LEU A 220 -8.53 -8.59 15.73
N ASP A 221 -8.32 -7.43 16.34
CA ASP A 221 -8.24 -7.40 17.80
C ASP A 221 -9.60 -7.70 18.49
N ASP A 222 -10.73 -7.54 17.79
CA ASP A 222 -12.02 -7.96 18.32
C ASP A 222 -12.20 -9.48 18.47
N GLY A 223 -11.41 -10.26 17.75
CA GLY A 223 -11.53 -11.72 17.70
C GLY A 223 -12.30 -12.19 16.50
N LEU A 224 -12.02 -13.38 16.01
CA LEU A 224 -12.77 -13.88 14.86
C LEU A 224 -14.23 -14.14 15.15
N ALA A 225 -14.58 -14.40 16.41
CA ALA A 225 -15.99 -14.60 16.72
C ALA A 225 -16.82 -13.36 16.34
N TYR A 226 -16.39 -12.21 16.86
CA TYR A 226 -17.03 -10.90 16.52
C TYR A 226 -17.04 -10.64 15.02
N ILE A 227 -15.89 -10.83 14.39
CA ILE A 227 -15.69 -10.53 12.98
C ILE A 227 -16.53 -11.40 12.11
N ASN A 228 -16.65 -12.67 12.46
CA ASN A 228 -17.48 -13.58 11.68
C ASN A 228 -19.01 -13.32 11.82
N SER A 229 -19.42 -12.64 12.89
CA SER A 229 -20.84 -12.57 13.27
C SER A 229 -21.44 -11.15 13.33
N THR A 230 -20.66 -10.12 13.05
CA THR A 230 -21.10 -8.76 13.20
C THR A 230 -21.02 -8.03 11.88
N ASP A 231 -22.01 -7.18 11.62
CA ASP A 231 -21.94 -6.30 10.46
C ASP A 231 -20.78 -5.30 10.68
N LEU A 232 -19.74 -5.39 9.84
CA LEU A 232 -18.50 -4.62 10.07
C LEU A 232 -18.54 -3.16 9.60
N SER A 233 -19.64 -2.75 8.95
CA SER A 233 -19.85 -1.35 8.53
C SER A 233 -20.26 -0.45 9.68
N GLY A 234 -20.36 -0.99 10.93
CA GLY A 234 -20.76 -0.21 12.13
C GLY A 234 -19.53 0.24 12.90
N GLU A 235 -19.40 -0.19 14.16
CA GLU A 235 -18.29 0.22 15.02
C GLU A 235 -16.91 -0.29 14.49
N TYR A 236 -16.89 -1.39 13.74
CA TYR A 236 -15.64 -1.90 13.19
C TYR A 236 -15.03 -0.88 12.18
N TYR A 237 -15.89 -0.36 11.30
CA TYR A 237 -15.56 0.71 10.36
C TYR A 237 -15.04 1.93 11.09
N ASP A 238 -15.77 2.37 12.13
CA ASP A 238 -15.34 3.53 12.90
C ASP A 238 -13.95 3.37 13.51
N LYS A 239 -13.69 2.21 14.09
CA LYS A 239 -12.35 1.89 14.63
C LYS A 239 -11.25 1.80 13.55
N SER A 240 -11.59 1.26 12.36
CA SER A 240 -10.64 1.02 11.31
C SER A 240 -10.29 2.31 10.53
N GLN A 241 -11.22 3.27 10.44
CA GLN A 241 -10.99 4.41 9.56
C GLN A 241 -9.70 5.20 9.84
N PRO A 242 -9.43 5.53 11.12
CA PRO A 242 -8.21 6.28 11.43
C PRO A 242 -6.97 5.53 11.06
N VAL A 243 -7.06 4.18 11.10
CA VAL A 243 -5.93 3.35 10.86
C VAL A 243 -5.69 3.26 9.36
N PHE A 244 -6.72 2.91 8.55
CA PHE A 244 -6.47 2.87 7.09
C PHE A 244 -6.14 4.26 6.51
N GLU A 245 -6.75 5.30 7.04
CA GLU A 245 -6.37 6.69 6.67
C GLU A 245 -4.91 7.02 6.93
N GLU A 246 -4.41 6.69 8.13
CA GLU A 246 -3.02 6.94 8.43
C GLU A 246 -2.12 6.11 7.60
N LEU A 247 -2.49 4.82 7.39
CA LEU A 247 -1.64 4.00 6.56
C LEU A 247 -1.54 4.43 5.09
N ILE A 248 -2.66 4.91 4.53
CA ILE A 248 -2.64 5.41 3.18
C ILE A 248 -1.75 6.70 3.10
N ALA A 249 -1.88 7.58 4.11
CA ALA A 249 -1.00 8.72 4.26
C ALA A 249 0.49 8.31 4.34
N LYS A 250 0.79 7.33 5.18
CA LYS A 250 2.18 6.84 5.28
C LYS A 250 2.68 6.31 3.98
N ALA A 251 1.83 5.49 3.34
CA ALA A 251 2.14 4.96 2.00
C ALA A 251 2.48 6.09 1.01
N GLY A 252 1.66 7.16 0.96
CA GLY A 252 1.90 8.28 0.03
C GLY A 252 3.22 9.01 0.33
N TYR A 253 3.41 9.28 1.60
CA TYR A 253 4.57 10.01 2.05
C TYR A 253 5.86 9.22 1.80
N ARG A 254 5.80 7.93 2.11
CA ARG A 254 6.94 7.06 1.96
C ARG A 254 7.20 6.82 0.52
N LEU A 255 6.17 6.62 -0.28
CA LEU A 255 6.35 6.56 -1.74
C LEU A 255 7.09 7.79 -2.32
N ALA A 256 6.70 8.98 -1.89
CA ALA A 256 7.37 10.21 -2.35
C ALA A 256 8.87 10.21 -1.98
N ALA A 257 9.18 9.87 -0.74
CA ALA A 257 10.56 9.83 -0.25
C ALA A 257 11.36 8.83 -1.05
N TRP A 258 10.75 7.67 -1.32
CA TRP A 258 11.45 6.65 -2.06
C TRP A 258 11.71 7.11 -3.51
N LEU A 259 10.66 7.65 -4.17
CA LEU A 259 10.80 8.22 -5.54
C LEU A 259 11.86 9.35 -5.61
N ASP A 260 11.86 10.25 -4.63
CA ASP A 260 12.92 11.26 -4.55
C ASP A 260 14.32 10.63 -4.47
N LEU A 261 14.47 9.57 -3.67
CA LEU A 261 15.78 8.86 -3.65
C LEU A 261 16.16 8.24 -4.97
N ILE A 262 15.22 7.56 -5.62
CA ILE A 262 15.47 6.90 -6.88
C ILE A 262 15.85 7.96 -7.95
N ALA A 263 15.07 9.05 -8.02
CA ALA A 263 15.33 10.09 -9.01
C ALA A 263 16.70 10.79 -8.81
N SER A 264 17.17 10.83 -7.57
CA SER A 264 18.46 11.42 -7.19
C SER A 264 19.64 10.57 -7.69
N GLN A 265 19.38 9.31 -8.03
CA GLN A 265 20.32 8.44 -8.75
C GLN A 265 21.67 8.31 -8.04
N PRO A 266 21.68 7.76 -6.81
CA PRO A 266 22.91 7.69 -5.95
C PRO A 266 24.05 6.82 -6.52
C1 NAG B . -14.37 -17.47 11.60
C2 NAG B . -14.08 -18.70 12.42
C3 NAG B . -12.84 -19.34 11.83
C4 NAG B . -13.01 -19.64 10.37
C5 NAG B . -13.40 -18.40 9.59
C6 NAG B . -13.64 -18.85 8.15
C7 NAG B . -14.93 -18.28 14.69
C8 NAG B . -14.51 -18.09 16.12
N2 NAG B . -13.90 -18.46 13.83
O3 NAG B . -12.51 -20.60 12.41
O4 NAG B . -11.80 -20.19 9.83
O5 NAG B . -14.57 -17.90 10.24
O6 NAG B . -14.19 -17.81 7.33
O7 NAG B . -16.14 -18.26 14.30
ZN ZN C . -1.98 -4.98 -5.46
ZN ZN D . -5.81 -6.71 -1.49
ZN ZN E . -3.84 -3.05 -3.52
P PO4 F . -4.64 -5.75 -4.51
O1 PO4 F . -3.63 -4.63 -4.67
O2 PO4 F . -5.73 -5.63 -5.53
O3 PO4 F . -5.27 -5.64 -3.14
O4 PO4 F . -3.94 -7.07 -4.72
C1 GOL G . 13.64 9.54 -17.19
O1 GOL G . 12.87 10.04 -16.20
C2 GOL G . 14.79 8.75 -16.61
O2 GOL G . 15.91 9.60 -16.06
C3 GOL G . 15.08 7.88 -17.83
O3 GOL G . 15.28 8.75 -18.99
#